data_4NAF
#
_entry.id   4NAF
#
_cell.length_a   85.114
_cell.length_b   157.840
_cell.length_c   38.170
_cell.angle_alpha   90.00
_cell.angle_beta   90.00
_cell.angle_gamma   90.00
#
_symmetry.space_group_name_H-M   'P 21 21 2'
#
loop_
_entity.id
_entity.type
_entity.pdbx_description
1 polymer 'Heptaprenylglyceryl phosphate synthase'
2 polymer 'Heptaprenylglyceryl phosphate synthase'
3 water water
#
loop_
_entity_poly.entity_id
_entity_poly.type
_entity_poly.pdbx_seq_one_letter_code
_entity_poly.pdbx_strand_id
1 'polypeptide(L)'
;EIRAWRHVFKLDPNKPIDDERLERLCESGTDAVIVGGTDGVTIDNVLDLLARIRRFSVPCALEVTDVEALTPGFDVYLVP
IVLNSRQAEWIIGRHHEAVKQYGDMMNWDEIAAEGYCILNPECKAAKLTRADTELDVDDIVAYARLAEHLYKLPIFYLEY
SGVYGDPSVVDKVKQALDQTQLFYGGGITTPEQAEHMARYADTVVVGNAIYDAFEQALATVAAVKQ
;
A
2 'polypeptide(L)'
;EEIRAWRHVFKLDPNKPIDDERLERLCESGTDAVIVGGTDGVTIDNVLDLLARIRRFSVPCALEVTDVEALTPGFDVYLV
PIVLNSRQAEWIIGRHHEAVKQYGDMMNWDEIAAEGYCILNPECKAAKLTRADTELDVDDIVAYARLAEHLYKLPIFYLE
YSGVYGDPSVVEKVKQALDQTQLFYGGGITTPEQAEHMARYADTVVVGNAIYDAFEQALATVAAVKQ
;
B
#
# COMPACT_ATOMS: atom_id res chain seq x y z
N GLU A 1 8.95 -5.40 18.43
CA GLU A 1 8.25 -4.33 17.72
C GLU A 1 9.21 -3.28 17.18
N ILE A 2 9.01 -2.92 15.92
CA ILE A 2 9.88 -1.98 15.20
C ILE A 2 9.74 -0.57 15.75
N ARG A 3 8.58 -0.25 16.33
CA ARG A 3 8.27 1.09 16.81
C ARG A 3 9.29 1.59 17.85
N ALA A 4 9.94 0.65 18.52
CA ALA A 4 10.92 0.98 19.54
C ALA A 4 12.32 1.23 18.97
N TRP A 5 12.56 0.75 17.76
CA TRP A 5 13.90 0.89 17.16
C TRP A 5 14.25 2.35 16.97
N ARG A 6 15.43 2.75 17.45
CA ARG A 6 15.92 4.12 17.29
C ARG A 6 17.22 4.12 16.47
N HIS A 7 18.03 3.08 16.69
CA HIS A 7 19.28 2.90 15.95
C HIS A 7 19.34 1.46 15.46
N VAL A 8 19.61 1.29 14.16
CA VAL A 8 19.82 -0.06 13.64
C VAL A 8 21.07 -0.09 12.76
N PHE A 9 21.78 -1.23 12.81
CA PHE A 9 22.90 -1.47 11.91
C PHE A 9 22.43 -2.31 10.74
N LYS A 10 22.94 -2.01 9.55
CA LYS A 10 22.61 -2.81 8.38
C LYS A 10 23.86 -3.48 7.81
N LEU A 11 23.87 -4.82 7.81
CA LEU A 11 25.00 -5.60 7.34
C LEU A 11 24.78 -6.12 5.92
N ASP A 12 25.80 -5.98 5.08
CA ASP A 12 25.80 -6.53 3.73
C ASP A 12 26.32 -7.97 3.79
N PRO A 13 25.45 -8.96 3.52
CA PRO A 13 25.84 -10.37 3.66
C PRO A 13 26.91 -10.84 2.67
N ASN A 14 27.22 -10.02 1.68
CA ASN A 14 28.31 -10.34 0.75
C ASN A 14 29.62 -9.75 1.24
N LYS A 15 29.54 -8.92 2.28
CA LYS A 15 30.74 -8.35 2.88
C LYS A 15 31.08 -9.11 4.15
N PRO A 16 32.34 -9.55 4.26
CA PRO A 16 32.77 -10.30 5.44
C PRO A 16 32.91 -9.40 6.68
N ILE A 17 32.59 -9.96 7.84
CA ILE A 17 32.84 -9.29 9.11
C ILE A 17 33.29 -10.34 10.12
N ASP A 18 34.45 -10.13 10.74
CA ASP A 18 34.97 -11.16 11.64
C ASP A 18 34.13 -11.27 12.91
N ASP A 19 34.31 -12.38 13.64
CA ASP A 19 33.47 -12.67 14.80
C ASP A 19 33.61 -11.63 15.91
N GLU A 20 34.81 -11.13 16.13
CA GLU A 20 34.99 -10.16 17.20
C GLU A 20 34.29 -8.83 16.91
N ARG A 21 34.30 -8.40 15.65
CA ARG A 21 33.53 -7.21 15.26
C ARG A 21 32.03 -7.42 15.35
N LEU A 22 31.57 -8.59 14.94
CA LEU A 22 30.14 -8.92 14.95
C LEU A 22 29.65 -8.88 16.38
N GLU A 23 30.45 -9.41 17.30
CA GLU A 23 30.11 -9.39 18.71
C GLU A 23 29.95 -7.95 19.20
N ARG A 24 30.99 -7.14 18.98
CA ARG A 24 30.96 -5.73 19.38
C ARG A 24 29.77 -4.98 18.80
N LEU A 25 29.44 -5.27 17.55
CA LEU A 25 28.30 -4.66 16.87
C LEU A 25 26.97 -5.08 17.49
N CYS A 26 26.79 -6.38 17.68
CA CYS A 26 25.55 -6.93 18.21
C CYS A 26 25.32 -6.63 19.68
N GLU A 27 26.40 -6.37 20.42
CA GLU A 27 26.27 -6.07 21.85
C GLU A 27 26.50 -4.58 22.15
N SER A 28 26.45 -3.76 21.10
CA SER A 28 26.72 -2.33 21.19
C SER A 28 25.58 -1.50 21.76
N GLY A 29 24.37 -2.07 21.76
CA GLY A 29 23.20 -1.35 22.21
C GLY A 29 22.29 -0.99 21.06
N THR A 30 22.70 -1.31 19.84
CA THR A 30 21.82 -1.14 18.68
C THR A 30 20.52 -1.91 18.89
N ASP A 31 19.42 -1.37 18.37
CA ASP A 31 18.10 -1.96 18.59
C ASP A 31 17.81 -3.14 17.67
N ALA A 32 18.53 -3.20 16.56
CA ALA A 32 18.35 -4.29 15.62
C ALA A 32 19.52 -4.36 14.65
N VAL A 33 19.74 -5.56 14.13
CA VAL A 33 20.68 -5.77 13.04
C VAL A 33 19.89 -6.21 11.82
N ILE A 34 19.99 -5.43 10.75
CA ILE A 34 19.33 -5.73 9.50
C ILE A 34 20.32 -6.39 8.54
N VAL A 35 19.97 -7.57 8.04
CA VAL A 35 20.76 -8.18 6.98
C VAL A 35 20.19 -7.71 5.65
N GLY A 36 21.00 -7.02 4.85
CA GLY A 36 20.50 -6.44 3.61
C GLY A 36 21.49 -6.48 2.46
N GLY A 37 21.14 -7.25 1.43
CA GLY A 37 21.98 -7.37 0.26
C GLY A 37 21.81 -6.20 -0.70
N VAL A 41 23.50 -11.71 -3.17
CA VAL A 41 23.07 -12.30 -1.91
C VAL A 41 22.50 -13.70 -2.13
N THR A 42 23.12 -14.69 -1.53
CA THR A 42 22.69 -16.05 -1.65
C THR A 42 22.01 -16.48 -0.34
N ILE A 43 21.19 -17.50 -0.44
CA ILE A 43 20.43 -17.94 0.72
C ILE A 43 21.34 -18.53 1.79
N ASP A 44 22.37 -19.26 1.37
CA ASP A 44 23.32 -19.87 2.28
C ASP A 44 24.13 -18.85 3.08
N ASN A 45 24.56 -17.77 2.41
CA ASN A 45 25.32 -16.72 3.09
C ASN A 45 24.45 -15.93 4.05
N VAL A 46 23.18 -15.77 3.70
CA VAL A 46 22.22 -15.09 4.56
C VAL A 46 21.97 -15.94 5.81
N LEU A 47 21.77 -17.24 5.61
CA LEU A 47 21.58 -18.15 6.74
C LEU A 47 22.81 -18.27 7.63
N ASP A 48 23.99 -18.31 7.02
CA ASP A 48 25.25 -18.37 7.77
C ASP A 48 25.46 -17.15 8.67
N LEU A 49 25.08 -15.97 8.15
CA LEU A 49 25.25 -14.74 8.92
C LEU A 49 24.23 -14.69 10.06
N LEU A 50 23.00 -15.05 9.75
CA LEU A 50 21.94 -15.12 10.76
C LEU A 50 22.32 -16.02 11.93
N ALA A 51 22.87 -17.20 11.62
CA ALA A 51 23.24 -18.16 12.65
C ALA A 51 24.28 -17.58 13.62
N ARG A 52 25.17 -16.75 13.08
CA ARG A 52 26.19 -16.10 13.88
C ARG A 52 25.61 -14.98 14.74
N ILE A 53 24.70 -14.21 14.17
CA ILE A 53 24.01 -13.16 14.92
C ILE A 53 23.19 -13.76 16.08
N ARG A 54 22.59 -14.92 15.86
CA ARG A 54 21.77 -15.57 16.88
C ARG A 54 22.52 -15.97 18.16
N ARG A 55 23.85 -15.86 18.14
CA ARG A 55 24.65 -15.95 19.37
C ARG A 55 24.21 -14.88 20.37
N PHE A 56 23.64 -13.80 19.84
CA PHE A 56 23.26 -12.65 20.64
C PHE A 56 21.75 -12.47 20.65
N SER A 57 21.25 -11.64 21.56
CA SER A 57 19.80 -11.52 21.74
C SER A 57 19.18 -10.40 20.89
N VAL A 58 20.04 -9.65 20.20
CA VAL A 58 19.60 -8.52 19.37
C VAL A 58 18.58 -8.94 18.28
N PRO A 59 17.49 -8.16 18.14
CA PRO A 59 16.53 -8.47 17.07
C PRO A 59 17.24 -8.48 15.73
N CYS A 60 16.87 -9.44 14.88
CA CYS A 60 17.51 -9.55 13.58
C CYS A 60 16.48 -9.55 12.47
N ALA A 61 16.65 -8.65 11.51
CA ALA A 61 15.70 -8.50 10.42
C ALA A 61 16.37 -8.76 9.08
N LEU A 62 15.58 -9.18 8.10
CA LEU A 62 16.07 -9.33 6.76
C LEU A 62 15.38 -8.34 5.84
N GLU A 63 16.17 -7.57 5.09
CA GLU A 63 15.59 -6.70 4.08
C GLU A 63 15.61 -7.43 2.75
N VAL A 64 14.43 -7.78 2.27
CA VAL A 64 14.28 -8.57 1.05
C VAL A 64 14.24 -7.70 -0.19
N THR A 65 15.37 -7.59 -0.89
CA THR A 65 15.44 -6.83 -2.13
C THR A 65 15.35 -7.75 -3.34
N ASP A 66 15.54 -9.04 -3.11
CA ASP A 66 15.39 -10.05 -4.15
C ASP A 66 14.86 -11.34 -3.55
N VAL A 67 13.87 -11.93 -4.22
CA VAL A 67 13.21 -13.13 -3.72
C VAL A 67 14.15 -14.34 -3.60
N GLU A 68 15.24 -14.32 -4.37
CA GLU A 68 16.18 -15.44 -4.40
C GLU A 68 16.86 -15.68 -3.05
N ALA A 69 16.96 -14.64 -2.23
CA ALA A 69 17.60 -14.76 -0.92
C ALA A 69 16.61 -14.72 0.25
N LEU A 70 15.32 -14.90 -0.04
CA LEU A 70 14.29 -14.92 1.00
C LEU A 70 14.44 -16.13 1.92
N THR A 71 14.62 -15.87 3.20
CA THR A 71 15.06 -16.90 4.15
C THR A 71 14.21 -16.92 5.41
N PRO A 72 13.64 -18.10 5.77
CA PRO A 72 12.93 -18.17 7.05
C PRO A 72 13.89 -18.02 8.22
N GLY A 73 13.38 -17.64 9.40
CA GLY A 73 14.21 -17.59 10.59
C GLY A 73 14.49 -16.22 11.17
N PHE A 74 14.11 -15.16 10.46
CA PHE A 74 14.31 -13.79 10.95
C PHE A 74 13.18 -13.31 11.84
N ASP A 75 13.43 -12.28 12.64
CA ASP A 75 12.39 -11.71 13.49
C ASP A 75 11.44 -10.81 12.71
N VAL A 76 11.96 -10.16 11.68
CA VAL A 76 11.20 -9.18 10.90
C VAL A 76 11.68 -9.29 9.46
N TYR A 77 10.74 -9.16 8.53
CA TYR A 77 11.04 -9.06 7.11
C TYR A 77 10.68 -7.65 6.64
N LEU A 78 11.71 -6.88 6.29
CA LEU A 78 11.52 -5.52 5.81
C LEU A 78 11.46 -5.55 4.30
N VAL A 79 10.33 -5.09 3.74
CA VAL A 79 10.10 -5.20 2.31
C VAL A 79 10.00 -3.84 1.65
N PRO A 80 11.04 -3.47 0.88
CA PRO A 80 11.05 -2.17 0.19
C PRO A 80 10.02 -2.09 -0.92
N ILE A 81 9.32 -0.96 -0.95
CA ILE A 81 8.49 -0.53 -2.07
C ILE A 81 9.12 0.78 -2.53
N VAL A 82 9.61 0.85 -3.76
CA VAL A 82 10.25 2.08 -4.22
C VAL A 82 9.19 3.06 -4.74
N LEU A 83 8.72 3.92 -3.84
CA LEU A 83 7.58 4.79 -4.13
C LEU A 83 7.83 5.71 -5.31
N ASN A 84 9.05 6.23 -5.42
CA ASN A 84 9.38 7.14 -6.52
C ASN A 84 9.96 6.46 -7.77
N SER A 85 9.75 5.14 -7.88
CA SER A 85 10.17 4.43 -9.09
C SER A 85 9.21 4.70 -10.24
N ARG A 86 9.76 4.74 -11.45
CA ARG A 86 8.95 4.94 -12.65
C ARG A 86 8.35 3.62 -13.13
N GLN A 87 8.82 2.52 -12.55
CA GLN A 87 8.45 1.18 -13.02
C GLN A 87 7.60 0.42 -11.99
N ALA A 88 6.48 -0.13 -12.45
CA ALA A 88 5.56 -0.87 -11.57
C ALA A 88 6.23 -2.09 -10.93
N GLU A 89 7.25 -2.59 -11.62
CA GLU A 89 8.05 -3.72 -11.16
C GLU A 89 8.58 -3.53 -9.73
N TRP A 90 9.00 -2.30 -9.43
CA TRP A 90 9.66 -2.02 -8.16
C TRP A 90 8.68 -1.49 -7.12
N ILE A 91 7.42 -1.40 -7.52
CA ILE A 91 6.36 -0.88 -6.65
C ILE A 91 5.44 -2.03 -6.22
N ILE A 92 5.20 -2.97 -7.12
CA ILE A 92 4.35 -4.10 -6.78
C ILE A 92 4.68 -5.38 -7.56
N GLY A 93 5.28 -5.26 -8.73
CA GLY A 93 5.50 -6.40 -9.61
C GLY A 93 6.32 -7.53 -9.02
N ARG A 94 7.53 -7.20 -8.56
CA ARG A 94 8.38 -8.23 -7.97
C ARG A 94 7.76 -8.77 -6.69
N HIS A 95 7.07 -7.90 -5.96
CA HIS A 95 6.37 -8.28 -4.76
C HIS A 95 5.31 -9.34 -5.05
N HIS A 96 4.54 -9.13 -6.13
CA HIS A 96 3.52 -10.07 -6.56
C HIS A 96 4.09 -11.46 -6.83
N GLU A 97 5.17 -11.51 -7.61
CA GLU A 97 5.85 -12.77 -7.91
C GLU A 97 6.29 -13.51 -6.63
N ALA A 98 6.88 -12.78 -5.70
CA ALA A 98 7.36 -13.36 -4.44
C ALA A 98 6.22 -13.88 -3.59
N VAL A 99 5.16 -13.07 -3.48
CA VAL A 99 4.01 -13.44 -2.66
C VAL A 99 3.26 -14.62 -3.29
N LYS A 100 3.23 -14.66 -4.62
CA LYS A 100 2.60 -15.79 -5.29
C LYS A 100 3.29 -17.10 -4.88
N GLN A 101 4.62 -17.12 -4.95
CA GLN A 101 5.37 -18.34 -4.64
C GLN A 101 5.45 -18.66 -3.15
N TYR A 102 5.74 -17.66 -2.33
CA TYR A 102 6.02 -17.90 -0.91
C TYR A 102 4.93 -17.44 0.05
N GLY A 103 3.83 -16.91 -0.47
CA GLY A 103 2.77 -16.35 0.35
C GLY A 103 2.18 -17.32 1.39
N ASP A 104 2.08 -18.59 1.02
CA ASP A 104 1.47 -19.58 1.90
C ASP A 104 2.31 -19.86 3.15
N MET A 105 3.62 -19.62 3.07
CA MET A 105 4.50 -19.87 4.20
C MET A 105 4.94 -18.58 4.92
N MET A 106 4.34 -17.47 4.53
CA MET A 106 4.66 -16.19 5.18
C MET A 106 3.81 -15.98 6.43
N ASN A 107 4.46 -15.46 7.46
CA ASN A 107 3.78 -15.06 8.67
C ASN A 107 3.63 -13.55 8.60
N TRP A 108 2.42 -13.07 8.31
CA TRP A 108 2.21 -11.65 8.05
C TRP A 108 2.59 -10.74 9.20
N ASP A 109 2.59 -11.28 10.43
CA ASP A 109 2.96 -10.49 11.59
C ASP A 109 4.44 -10.09 11.58
N GLU A 110 5.22 -10.76 10.74
CA GLU A 110 6.67 -10.54 10.69
C GLU A 110 7.07 -9.66 9.51
N ILE A 111 6.07 -9.27 8.72
CA ILE A 111 6.34 -8.56 7.47
C ILE A 111 5.96 -7.08 7.59
N ALA A 112 6.91 -6.20 7.28
CA ALA A 112 6.67 -4.77 7.31
C ALA A 112 7.19 -4.11 6.05
N ALA A 113 6.28 -3.51 5.28
CA ALA A 113 6.62 -2.79 4.06
C ALA A 113 7.35 -1.50 4.38
N GLU A 114 8.35 -1.18 3.56
CA GLU A 114 9.06 0.08 3.69
C GLU A 114 8.82 0.90 2.46
N GLY A 115 8.11 2.01 2.62
CA GLY A 115 7.90 2.95 1.54
C GLY A 115 9.15 3.78 1.32
N TYR A 116 10.00 3.32 0.40
CA TYR A 116 11.27 3.95 0.12
C TYR A 116 11.06 5.18 -0.76
N CYS A 117 11.84 6.21 -0.49
CA CYS A 117 11.96 7.36 -1.37
C CYS A 117 13.48 7.53 -1.60
N ILE A 118 13.94 7.01 -2.73
CA ILE A 118 15.36 6.99 -3.05
C ILE A 118 15.78 8.32 -3.63
N LEU A 119 16.73 8.99 -2.96
CA LEU A 119 17.03 10.39 -3.26
C LEU A 119 18.43 10.67 -3.84
N ASN A 120 19.28 9.66 -3.92
CA ASN A 120 20.61 9.84 -4.49
C ASN A 120 20.71 9.21 -5.89
N PRO A 121 20.79 10.04 -6.94
CA PRO A 121 20.84 9.54 -8.32
C PRO A 121 22.09 8.71 -8.63
N GLU A 122 23.21 9.01 -7.96
CA GLU A 122 24.46 8.32 -8.23
C GLU A 122 24.54 6.93 -7.58
N CYS A 123 23.51 6.56 -6.82
CA CYS A 123 23.50 5.29 -6.11
C CYS A 123 23.05 4.14 -7.02
N LYS A 124 23.45 2.92 -6.65
CA LYS A 124 23.09 1.74 -7.43
C LYS A 124 21.59 1.48 -7.38
N ALA A 125 21.00 1.71 -6.21
CA ALA A 125 19.57 1.47 -5.99
C ALA A 125 18.72 2.34 -6.90
N ALA A 126 19.09 3.62 -7.01
CA ALA A 126 18.37 4.58 -7.85
C ALA A 126 18.37 4.16 -9.31
N LYS A 127 19.52 3.71 -9.80
CA LYS A 127 19.65 3.34 -11.20
C LYS A 127 18.91 2.04 -11.52
N LEU A 128 19.06 1.06 -10.64
CA LEU A 128 18.38 -0.23 -10.80
C LEU A 128 16.86 -0.06 -10.84
N THR A 129 16.33 0.71 -9.89
CA THR A 129 14.88 0.86 -9.75
C THR A 129 14.28 1.98 -10.59
N ARG A 130 15.12 2.67 -11.35
CA ARG A 130 14.69 3.79 -12.19
C ARG A 130 13.97 4.86 -11.36
N ALA A 131 14.53 5.17 -10.19
CA ALA A 131 13.92 6.12 -9.27
C ALA A 131 14.05 7.53 -9.79
N ASP A 132 12.99 8.33 -9.63
CA ASP A 132 13.04 9.74 -9.97
C ASP A 132 13.54 10.51 -8.74
N THR A 133 14.83 10.82 -8.74
CA THR A 133 15.47 11.48 -7.61
C THR A 133 15.39 13.00 -7.65
N GLU A 134 14.98 13.55 -8.78
CA GLU A 134 14.83 15.01 -8.93
C GLU A 134 13.57 15.49 -8.21
N LEU A 135 13.59 15.49 -6.88
CA LEU A 135 12.41 15.82 -6.10
C LEU A 135 12.66 16.99 -5.16
N ASP A 136 11.69 17.89 -5.06
CA ASP A 136 11.74 18.91 -4.02
C ASP A 136 11.04 18.42 -2.77
N VAL A 137 11.11 19.20 -1.70
CA VAL A 137 10.58 18.78 -0.41
C VAL A 137 9.08 18.49 -0.49
N ASP A 138 8.34 19.29 -1.27
CA ASP A 138 6.91 19.06 -1.48
C ASP A 138 6.63 17.70 -2.13
N ASP A 139 7.48 17.29 -3.07
CA ASP A 139 7.38 15.97 -3.69
C ASP A 139 7.56 14.89 -2.63
N ILE A 140 8.59 15.07 -1.81
CA ILE A 140 8.93 14.09 -0.79
C ILE A 140 7.82 14.02 0.26
N VAL A 141 7.31 15.18 0.64
CA VAL A 141 6.19 15.27 1.59
C VAL A 141 4.94 14.54 1.07
N ALA A 142 4.65 14.70 -0.22
CA ALA A 142 3.53 14.02 -0.85
C ALA A 142 3.66 12.49 -0.74
N TYR A 143 4.86 11.97 -0.99
CA TYR A 143 5.14 10.55 -0.83
C TYR A 143 4.95 10.08 0.61
N ALA A 144 5.46 10.85 1.55
CA ALA A 144 5.30 10.52 2.97
C ALA A 144 3.82 10.43 3.34
N ARG A 145 3.04 11.39 2.83
CA ARG A 145 1.61 11.43 3.11
C ARG A 145 0.87 10.24 2.48
N LEU A 146 1.26 9.87 1.27
CA LEU A 146 0.73 8.66 0.64
C LEU A 146 1.00 7.44 1.52
N ALA A 147 2.24 7.30 1.97
CA ALA A 147 2.62 6.18 2.83
C ALA A 147 1.78 6.16 4.11
N GLU A 148 1.63 7.32 4.72
CA GLU A 148 0.92 7.44 5.99
C GLU A 148 -0.59 7.17 5.88
N HIS A 149 -1.21 7.76 4.86
CA HIS A 149 -2.67 7.85 4.81
C HIS A 149 -3.35 6.95 3.77
N LEU A 150 -2.73 6.77 2.61
CA LEU A 150 -3.39 6.02 1.54
C LEU A 150 -3.00 4.54 1.57
N TYR A 151 -1.68 4.28 1.61
CA TYR A 151 -1.17 2.91 1.63
C TYR A 151 -1.00 2.36 3.04
N LYS A 152 -0.89 3.26 4.03
CA LYS A 152 -0.69 2.90 5.44
C LYS A 152 0.43 1.89 5.67
N LEU A 153 1.60 2.20 5.09
CA LEU A 153 2.78 1.38 5.26
C LEU A 153 3.34 1.58 6.67
N PRO A 154 3.90 0.51 7.26
CA PRO A 154 4.50 0.61 8.59
C PRO A 154 5.65 1.60 8.62
N ILE A 155 6.38 1.71 7.50
CA ILE A 155 7.60 2.49 7.43
C ILE A 155 7.69 3.37 6.18
N PHE A 156 8.15 4.60 6.37
CA PHE A 156 8.59 5.45 5.26
C PHE A 156 10.09 5.65 5.42
N TYR A 157 10.83 5.43 4.36
CA TYR A 157 12.25 5.34 4.41
C TYR A 157 12.95 6.32 3.47
N LEU A 158 13.58 7.33 4.04
CA LEU A 158 14.38 8.25 3.24
C LEU A 158 15.76 7.65 2.99
N GLU A 159 16.05 7.35 1.73
CA GLU A 159 17.30 6.68 1.39
C GLU A 159 18.21 7.60 0.57
N TYR A 160 19.31 8.03 1.18
CA TYR A 160 20.30 8.87 0.51
C TYR A 160 21.57 8.08 0.15
N SER A 161 21.56 6.79 0.47
CA SER A 161 22.67 5.88 0.13
C SER A 161 24.04 6.31 0.67
N GLY A 162 24.89 6.80 -0.21
CA GLY A 162 26.26 7.10 0.15
C GLY A 162 26.49 8.53 0.58
N VAL A 163 25.45 9.35 0.50
CA VAL A 163 25.56 10.75 0.86
C VAL A 163 24.75 11.04 2.11
N TYR A 164 25.21 12.02 2.89
CA TYR A 164 24.47 12.48 4.06
C TYR A 164 23.36 13.41 3.58
N GLY A 165 22.12 13.12 3.95
CA GLY A 165 20.97 13.88 3.48
C GLY A 165 20.81 15.24 4.12
N ASP A 166 19.70 15.90 3.83
CA ASP A 166 19.39 17.22 4.37
C ASP A 166 18.49 17.11 5.59
N PRO A 167 19.05 17.34 6.80
CA PRO A 167 18.30 17.23 8.05
C PRO A 167 16.99 18.02 8.08
N SER A 168 16.91 19.11 7.31
CA SER A 168 15.71 19.95 7.30
C SER A 168 14.58 19.28 6.52
N VAL A 169 14.96 18.48 5.54
CA VAL A 169 14.00 17.68 4.78
C VAL A 169 13.46 16.57 5.65
N VAL A 170 14.36 15.91 6.40
CA VAL A 170 13.97 14.85 7.31
C VAL A 170 12.97 15.38 8.33
N ASP A 171 13.26 16.55 8.89
CA ASP A 171 12.37 17.22 9.83
C ASP A 171 10.99 17.52 9.24
N LYS A 172 10.97 17.99 8.00
CA LYS A 172 9.70 18.33 7.33
C LYS A 172 8.85 17.09 7.07
N VAL A 173 9.49 16.02 6.60
CA VAL A 173 8.85 14.74 6.40
C VAL A 173 8.24 14.19 7.68
N LYS A 174 8.98 14.29 8.78
CA LYS A 174 8.53 13.80 10.09
C LYS A 174 7.20 14.45 10.51
N GLN A 175 7.06 15.73 10.22
CA GLN A 175 5.83 16.46 10.53
C GLN A 175 4.62 15.86 9.82
N ALA A 176 4.83 15.35 8.61
CA ALA A 176 3.75 14.74 7.84
C ALA A 176 3.42 13.32 8.30
N LEU A 177 4.33 12.70 9.05
CA LEU A 177 4.13 11.32 9.50
C LEU A 177 3.60 11.22 10.92
N ASP A 178 3.11 10.04 11.28
CA ASP A 178 2.45 9.82 12.56
C ASP A 178 2.47 8.33 12.87
N GLN A 179 1.53 7.60 12.27
CA GLN A 179 1.43 6.16 12.49
C GLN A 179 2.53 5.43 11.75
N THR A 180 2.93 5.97 10.60
CA THR A 180 4.00 5.40 9.80
C THR A 180 5.35 5.83 10.38
N GLN A 181 6.26 4.87 10.57
CA GLN A 181 7.54 5.14 11.21
C GLN A 181 8.52 5.72 10.20
N LEU A 182 9.32 6.70 10.62
CA LEU A 182 10.28 7.33 9.71
C LEU A 182 11.68 6.75 9.87
N PHE A 183 12.15 6.06 8.83
CA PHE A 183 13.50 5.52 8.81
C PHE A 183 14.37 6.43 7.97
N TYR A 184 15.59 6.69 8.43
CA TYR A 184 16.56 7.45 7.64
C TYR A 184 17.83 6.65 7.41
N GLY A 185 18.31 6.65 6.17
CA GLY A 185 19.59 6.05 5.84
C GLY A 185 20.34 6.92 4.85
N GLY A 186 21.66 6.99 5.00
CA GLY A 186 22.48 7.77 4.09
C GLY A 186 23.69 8.44 4.72
N GLY A 187 24.86 7.87 4.47
CA GLY A 187 26.13 8.50 4.79
C GLY A 187 26.43 8.84 6.24
N ILE A 188 25.84 8.09 7.16
CA ILE A 188 26.10 8.34 8.58
C ILE A 188 27.42 7.68 9.01
N THR A 189 28.42 8.52 9.28
CA THR A 189 29.77 8.06 9.62
C THR A 189 30.21 8.55 10.99
N THR A 190 29.69 9.70 11.40
CA THR A 190 30.09 10.30 12.67
C THR A 190 28.91 10.33 13.63
N PRO A 191 29.18 10.32 14.94
CA PRO A 191 28.12 10.39 15.95
C PRO A 191 27.27 11.65 15.83
N GLU A 192 27.86 12.78 15.46
CA GLU A 192 27.11 14.03 15.29
C GLU A 192 26.08 13.90 14.16
N GLN A 193 26.50 13.29 13.05
CA GLN A 193 25.59 13.00 11.94
C GLN A 193 24.45 12.11 12.39
N ALA A 194 24.78 11.05 13.13
CA ALA A 194 23.78 10.14 13.68
C ALA A 194 22.81 10.88 14.58
N GLU A 195 23.35 11.64 15.53
CA GLU A 195 22.53 12.39 16.48
C GLU A 195 21.58 13.37 15.78
N HIS A 196 22.09 14.10 14.80
CA HIS A 196 21.28 15.12 14.13
C HIS A 196 20.06 14.51 13.42
N MET A 197 20.29 13.45 12.64
CA MET A 197 19.19 12.78 11.96
C MET A 197 18.24 12.12 12.94
N ALA A 198 18.77 11.60 14.05
CA ALA A 198 17.94 10.95 15.07
C ALA A 198 16.97 11.92 15.77
N ARG A 199 17.23 13.21 15.67
CA ARG A 199 16.34 14.22 16.25
C ARG A 199 14.99 14.23 15.52
N TYR A 200 15.01 13.80 14.26
CA TYR A 200 13.83 13.88 13.41
C TYR A 200 13.34 12.51 12.96
N ALA A 201 14.25 11.66 12.50
CA ALA A 201 13.90 10.29 12.13
C ALA A 201 13.54 9.49 13.37
N ASP A 202 12.54 8.61 13.26
CA ASP A 202 12.28 7.66 14.33
C ASP A 202 13.46 6.70 14.46
N THR A 203 13.94 6.23 13.32
CA THR A 203 14.96 5.21 13.28
C THR A 203 16.04 5.61 12.28
N VAL A 204 17.29 5.53 12.73
CA VAL A 204 18.44 5.90 11.93
C VAL A 204 19.21 4.62 11.57
N VAL A 205 19.56 4.45 10.29
CA VAL A 205 20.21 3.23 9.82
C VAL A 205 21.67 3.49 9.49
N VAL A 206 22.57 2.68 10.05
CA VAL A 206 24.00 2.83 9.81
C VAL A 206 24.53 1.57 9.11
N GLY A 207 25.08 1.76 7.90
CA GLY A 207 25.50 0.63 7.10
C GLY A 207 26.97 0.66 6.70
N ASN A 208 27.29 1.46 5.69
CA ASN A 208 28.65 1.54 5.14
C ASN A 208 29.77 1.79 6.16
N ALA A 209 29.49 2.60 7.17
CA ALA A 209 30.49 2.97 8.17
C ALA A 209 30.99 1.74 8.93
N ILE A 210 30.15 0.72 9.03
CA ILE A 210 30.51 -0.54 9.68
C ILE A 210 31.80 -1.12 9.07
N TYR A 211 31.92 -1.03 7.75
CA TYR A 211 33.06 -1.58 7.04
C TYR A 211 34.18 -0.55 6.85
N ASP A 212 33.81 0.73 6.72
CA ASP A 212 34.76 1.81 6.43
C ASP A 212 35.36 2.49 7.65
N ALA A 213 34.61 2.55 8.75
CA ALA A 213 35.07 3.22 9.96
C ALA A 213 34.44 2.59 11.19
N PHE A 214 34.83 1.35 11.48
CA PHE A 214 34.15 0.53 12.48
C PHE A 214 33.98 1.18 13.85
N GLU A 215 35.04 1.79 14.38
CA GLU A 215 34.95 2.38 15.72
C GLU A 215 33.95 3.54 15.74
N GLN A 216 33.97 4.35 14.68
CA GLN A 216 32.99 5.43 14.55
C GLN A 216 31.57 4.88 14.43
N ALA A 217 31.40 3.82 13.64
CA ALA A 217 30.10 3.13 13.52
C ALA A 217 29.55 2.73 14.90
N LEU A 218 30.39 2.16 15.75
CA LEU A 218 29.97 1.75 17.08
C LEU A 218 29.54 2.96 17.92
N ALA A 219 30.24 4.07 17.74
CA ALA A 219 29.95 5.30 18.48
C ALA A 219 28.58 5.92 18.12
N THR A 220 28.01 5.52 16.99
CA THR A 220 26.75 6.12 16.56
C THR A 220 25.59 5.67 17.44
N VAL A 221 25.76 4.52 18.10
CA VAL A 221 24.74 3.97 18.97
C VAL A 221 24.43 4.92 20.13
N ALA A 222 25.43 5.19 20.96
CA ALA A 222 25.25 6.06 22.11
C ALA A 222 24.81 7.47 21.68
N ALA A 223 25.29 7.93 20.54
CA ALA A 223 24.94 9.24 20.03
C ALA A 223 23.42 9.35 19.80
N VAL A 224 22.84 8.26 19.31
CA VAL A 224 21.39 8.21 19.10
C VAL A 224 20.66 7.89 20.41
N LYS A 225 21.12 6.88 21.12
CA LYS A 225 20.39 6.35 22.28
C LYS A 225 20.61 7.13 23.59
N GLN A 226 21.47 8.14 23.56
CA GLN A 226 21.72 8.94 24.75
C GLN A 226 21.50 10.43 24.49
N GLU B 1 -18.36 6.85 7.37
CA GLU B 1 -19.16 5.63 7.44
C GLU B 1 -18.34 4.40 7.78
N GLU B 2 -18.98 3.46 8.46
CA GLU B 2 -18.35 2.19 8.77
C GLU B 2 -18.57 1.25 7.60
N ILE B 3 -17.64 1.26 6.65
CA ILE B 3 -17.81 0.51 5.41
C ILE B 3 -17.82 -0.99 5.61
N ARG B 4 -17.32 -1.47 6.74
CA ARG B 4 -17.26 -2.90 7.01
C ARG B 4 -18.66 -3.54 7.07
N ALA B 5 -19.69 -2.73 7.27
CA ALA B 5 -21.07 -3.20 7.36
C ALA B 5 -21.73 -3.35 6.00
N TRP B 6 -21.20 -2.64 5.00
CA TRP B 6 -21.77 -2.69 3.66
C TRP B 6 -21.83 -4.12 3.11
N ARG B 7 -23.00 -4.52 2.63
CA ARG B 7 -23.19 -5.82 1.99
C ARG B 7 -23.65 -5.61 0.56
N HIS B 8 -24.51 -4.62 0.37
CA HIS B 8 -25.00 -4.28 -0.96
C HIS B 8 -24.82 -2.80 -1.23
N VAL B 9 -24.22 -2.47 -2.37
CA VAL B 9 -24.14 -1.07 -2.80
C VAL B 9 -24.53 -0.91 -4.27
N PHE B 10 -25.15 0.22 -4.60
CA PHE B 10 -25.46 0.55 -5.98
C PHE B 10 -24.44 1.57 -6.46
N LYS B 11 -23.93 1.39 -7.67
CA LYS B 11 -23.01 2.37 -8.25
C LYS B 11 -23.64 3.09 -9.44
N LEU B 12 -23.67 4.41 -9.37
CA LEU B 12 -24.22 5.21 -10.45
C LEU B 12 -23.13 5.92 -11.24
N ASP B 13 -23.24 5.88 -12.56
CA ASP B 13 -22.39 6.65 -13.46
C ASP B 13 -23.03 8.03 -13.61
N PRO B 14 -22.31 9.10 -13.23
CA PRO B 14 -22.91 10.43 -13.31
C PRO B 14 -23.09 10.93 -14.74
N ASN B 15 -22.43 10.30 -15.70
CA ASN B 15 -22.60 10.66 -17.11
C ASN B 15 -23.83 10.02 -17.74
N LYS B 16 -24.50 9.14 -16.99
CA LYS B 16 -25.74 8.52 -17.43
C LYS B 16 -26.93 9.11 -16.69
N PRO B 17 -27.85 9.75 -17.42
CA PRO B 17 -29.03 10.37 -16.80
C PRO B 17 -29.83 9.36 -15.99
N ILE B 18 -30.30 9.78 -14.81
CA ILE B 18 -31.18 8.96 -14.02
C ILE B 18 -32.35 9.80 -13.53
N ASP B 19 -33.57 9.33 -13.79
CA ASP B 19 -34.78 10.06 -13.44
C ASP B 19 -35.01 10.01 -11.93
N ASP B 20 -35.81 10.94 -11.42
CA ASP B 20 -36.10 11.04 -9.98
C ASP B 20 -36.78 9.80 -9.45
N GLU B 21 -37.66 9.21 -10.27
CA GLU B 21 -38.40 8.02 -9.85
C GLU B 21 -37.47 6.86 -9.54
N ARG B 22 -36.60 6.53 -10.50
CA ARG B 22 -35.65 5.44 -10.29
C ARG B 22 -34.62 5.76 -9.20
N LEU B 23 -34.17 7.01 -9.15
CA LEU B 23 -33.22 7.42 -8.12
C LEU B 23 -33.81 7.20 -6.71
N GLU B 24 -35.07 7.59 -6.54
CA GLU B 24 -35.75 7.43 -5.26
C GLU B 24 -35.93 5.97 -4.86
N ARG B 25 -36.39 5.13 -5.78
CA ARG B 25 -36.54 3.71 -5.48
C ARG B 25 -35.19 3.09 -5.10
N LEU B 26 -34.14 3.49 -5.78
CA LEU B 26 -32.80 3.04 -5.49
C LEU B 26 -32.39 3.47 -4.08
N CYS B 27 -32.50 4.76 -3.81
CA CYS B 27 -32.04 5.31 -2.54
C CYS B 27 -32.85 4.79 -1.35
N GLU B 28 -34.10 4.46 -1.59
CA GLU B 28 -34.97 3.93 -0.54
C GLU B 28 -35.02 2.39 -0.53
N SER B 29 -34.22 1.77 -1.40
CA SER B 29 -34.21 0.30 -1.57
C SER B 29 -33.75 -0.52 -0.35
N GLY B 30 -32.99 0.09 0.53
CA GLY B 30 -32.37 -0.64 1.63
C GLY B 30 -30.92 -0.97 1.35
N THR B 31 -30.41 -0.49 0.22
CA THR B 31 -29.01 -0.63 -0.12
C THR B 31 -28.16 0.07 0.94
N ASP B 32 -26.96 -0.45 1.16
CA ASP B 32 -26.08 0.09 2.19
C ASP B 32 -25.44 1.43 1.79
N ALA B 33 -25.30 1.66 0.49
CA ALA B 33 -24.71 2.91 0.00
C ALA B 33 -24.96 3.12 -1.48
N VAL B 34 -24.93 4.38 -1.89
CA VAL B 34 -24.97 4.73 -3.29
C VAL B 34 -23.61 5.37 -3.63
N ILE B 35 -22.86 4.69 -4.51
CA ILE B 35 -21.56 5.18 -4.94
C ILE B 35 -21.67 5.93 -6.26
N VAL B 36 -21.14 7.14 -6.30
CA VAL B 36 -21.03 7.87 -7.56
C VAL B 36 -19.66 7.59 -8.14
N GLY B 37 -19.64 7.03 -9.35
CA GLY B 37 -18.42 6.59 -9.99
C GLY B 37 -17.93 7.52 -11.07
N THR B 43 -18.54 17.15 -15.47
CA THR B 43 -18.64 18.45 -14.83
C THR B 43 -18.75 18.31 -13.32
N ILE B 44 -18.18 19.26 -12.59
CA ILE B 44 -18.24 19.23 -11.13
C ILE B 44 -19.64 19.62 -10.64
N ASP B 45 -20.24 20.60 -11.30
CA ASP B 45 -21.58 21.06 -10.95
C ASP B 45 -22.63 19.97 -11.17
N ASN B 46 -22.33 19.01 -12.04
CA ASN B 46 -23.23 17.89 -12.29
C ASN B 46 -23.12 16.81 -11.22
N VAL B 47 -21.91 16.54 -10.76
CA VAL B 47 -21.70 15.61 -9.67
C VAL B 47 -22.40 16.15 -8.42
N LEU B 48 -22.24 17.46 -8.19
CA LEU B 48 -22.89 18.13 -7.07
C LEU B 48 -24.41 18.08 -7.17
N ASP B 49 -24.93 18.19 -8.39
CA ASP B 49 -26.38 18.13 -8.61
C ASP B 49 -26.92 16.76 -8.24
N LEU B 50 -26.23 15.72 -8.70
CA LEU B 50 -26.62 14.34 -8.41
C LEU B 50 -26.51 14.06 -6.91
N LEU B 51 -25.45 14.55 -6.29
CA LEU B 51 -25.29 14.46 -4.86
C LEU B 51 -26.48 15.04 -4.12
N ALA B 52 -26.83 16.26 -4.47
CA ALA B 52 -27.91 16.96 -3.81
C ALA B 52 -29.22 16.19 -3.93
N ARG B 53 -29.45 15.57 -5.08
CA ARG B 53 -30.65 14.76 -5.28
C ARG B 53 -30.61 13.53 -4.37
N ILE B 54 -29.44 12.93 -4.24
CA ILE B 54 -29.25 11.79 -3.35
C ILE B 54 -29.46 12.18 -1.87
N ARG B 55 -29.09 13.41 -1.53
CA ARG B 55 -29.21 13.90 -0.15
C ARG B 55 -30.64 14.12 0.34
N ARG B 56 -31.62 14.04 -0.55
CA ARG B 56 -33.01 14.14 -0.14
C ARG B 56 -33.45 12.89 0.64
N PHE B 57 -32.60 11.86 0.61
CA PHE B 57 -32.90 10.60 1.30
C PHE B 57 -31.91 10.36 2.45
N SER B 58 -31.88 9.13 2.98
CA SER B 58 -31.08 8.85 4.18
C SER B 58 -29.94 7.86 3.94
N VAL B 59 -29.58 7.65 2.68
CA VAL B 59 -28.61 6.62 2.33
C VAL B 59 -27.21 7.24 2.19
N PRO B 60 -26.18 6.54 2.72
CA PRO B 60 -24.81 7.04 2.58
C PRO B 60 -24.46 7.23 1.11
N CYS B 61 -23.79 8.32 0.78
CA CYS B 61 -23.37 8.57 -0.59
C CYS B 61 -21.85 8.72 -0.66
N ALA B 62 -21.21 7.88 -1.49
CA ALA B 62 -19.76 7.86 -1.62
C ALA B 62 -19.35 8.32 -3.01
N LEU B 63 -18.18 8.95 -3.10
CA LEU B 63 -17.63 9.34 -4.39
C LEU B 63 -16.38 8.51 -4.66
N GLU B 64 -16.38 7.76 -5.75
CA GLU B 64 -15.18 7.07 -6.16
C GLU B 64 -14.38 8.00 -7.07
N VAL B 65 -13.20 8.39 -6.60
CA VAL B 65 -12.39 9.42 -7.23
C VAL B 65 -11.42 8.83 -8.23
N THR B 66 -11.56 9.18 -9.50
CA THR B 66 -10.69 8.60 -10.53
C THR B 66 -9.83 9.64 -11.25
N ASP B 67 -9.96 10.91 -10.87
CA ASP B 67 -9.22 11.97 -11.54
C ASP B 67 -8.56 12.92 -10.54
N VAL B 68 -7.38 13.42 -10.89
CA VAL B 68 -6.65 14.34 -10.05
C VAL B 68 -7.36 15.68 -10.02
N GLU B 69 -8.16 15.91 -8.98
CA GLU B 69 -8.90 17.15 -8.83
CA ALA B 70 -9.91 18.60 -5.72
C ALA B 70 -11.12 17.69 -5.52
N LEU B 71 -11.20 17.06 -4.35
CA LEU B 71 -12.33 16.21 -4.01
C LEU B 71 -13.59 17.06 -3.89
N THR B 72 -14.62 16.73 -4.66
CA THR B 72 -15.89 17.44 -4.59
C THR B 72 -16.48 17.28 -3.18
N PRO B 73 -16.70 18.41 -2.48
CA PRO B 73 -17.15 18.36 -1.09
C PRO B 73 -18.56 17.81 -0.95
N GLY B 74 -18.88 17.26 0.22
CA GLY B 74 -20.24 16.88 0.54
C GLY B 74 -20.57 15.40 0.62
N PHE B 75 -19.66 14.54 0.17
CA PHE B 75 -19.89 13.09 0.23
C PHE B 75 -19.56 12.52 1.62
N ASP B 76 -20.17 11.38 1.95
CA ASP B 76 -19.92 10.73 3.24
C ASP B 76 -18.59 9.98 3.26
N VAL B 77 -18.19 9.44 2.12
CA VAL B 77 -16.97 8.65 2.00
C VAL B 77 -16.37 8.91 0.63
N TYR B 78 -15.05 9.04 0.59
CA TYR B 78 -14.30 9.16 -0.66
C TYR B 78 -13.50 7.88 -0.90
N LEU B 79 -13.78 7.22 -2.01
CA LEU B 79 -13.13 5.95 -2.35
C LEU B 79 -12.06 6.18 -3.42
N VAL B 80 -10.83 5.76 -3.12
CA VAL B 80 -9.70 5.99 -4.02
C VAL B 80 -9.15 4.69 -4.60
N PRO B 81 -9.43 4.46 -5.89
CA PRO B 81 -8.93 3.24 -6.55
C PRO B 81 -7.42 3.26 -6.72
N ILE B 82 -6.79 2.15 -6.39
CA ILE B 82 -5.39 1.90 -6.70
C ILE B 82 -5.36 0.61 -7.52
N VAL B 83 -4.92 0.70 -8.76
CA VAL B 83 -5.01 -0.44 -9.67
C VAL B 83 -3.78 -1.34 -9.50
N LEU B 84 -3.92 -2.34 -8.64
CA LEU B 84 -2.81 -3.20 -8.22
C LEU B 84 -2.22 -4.01 -9.37
N ASN B 85 -3.06 -4.40 -10.33
CA ASN B 85 -2.59 -5.22 -11.44
C ASN B 85 -2.31 -4.40 -12.70
N SER B 86 -2.20 -3.07 -12.53
CA SER B 86 -1.81 -2.19 -13.64
C SER B 86 -0.33 -2.35 -13.90
N ARG B 87 0.05 -2.31 -15.17
CA ARG B 87 1.45 -2.43 -15.54
C ARG B 87 2.16 -1.07 -15.56
N GLN B 88 1.42 -0.01 -15.22
CA GLN B 88 1.94 1.35 -15.20
C GLN B 88 1.86 1.95 -13.81
N ALA B 89 2.95 2.59 -13.39
CA ALA B 89 3.04 3.21 -12.05
C ALA B 89 2.07 4.37 -11.85
N GLU B 90 1.63 4.99 -12.95
CA GLU B 90 0.71 6.12 -12.83
C GLU B 90 -0.64 5.73 -12.22
N TRP B 91 -1.05 4.48 -12.41
CA TRP B 91 -2.33 4.01 -11.88
C TRP B 91 -2.22 3.36 -10.49
N ILE B 92 -0.99 3.27 -9.98
CA ILE B 92 -0.75 2.74 -8.65
C ILE B 92 -0.34 3.85 -7.68
N ILE B 93 0.54 4.75 -8.15
CA ILE B 93 1.01 5.84 -7.30
C ILE B 93 1.08 7.21 -8.00
N GLY B 94 1.36 7.23 -9.29
CA GLY B 94 1.59 8.46 -10.03
C GLY B 94 0.54 9.54 -9.88
N ARG B 95 -0.70 9.24 -10.25
CA ARG B 95 -1.77 10.22 -10.18
C ARG B 95 -2.14 10.53 -8.74
N HIS B 96 -1.96 9.55 -7.85
CA HIS B 96 -2.22 9.74 -6.44
C HIS B 96 -1.23 10.75 -5.87
N HIS B 97 0.04 10.62 -6.28
CA HIS B 97 1.08 11.55 -5.86
C HIS B 97 0.80 12.96 -6.34
N GLU B 98 0.38 13.08 -7.59
CA GLU B 98 0.05 14.38 -8.18
C GLU B 98 -1.06 15.04 -7.38
N ALA B 99 -2.11 14.27 -7.09
CA ALA B 99 -3.26 14.77 -6.35
C ALA B 99 -2.89 15.21 -4.93
N VAL B 100 -2.13 14.37 -4.22
CA VAL B 100 -1.73 14.67 -2.86
C VAL B 100 -0.78 15.87 -2.81
N LYS B 101 0.11 15.98 -3.79
CA LYS B 101 0.99 17.14 -3.87
C LYS B 101 0.20 18.45 -3.99
N GLN B 102 -0.79 18.47 -4.89
CA GLN B 102 -1.58 19.67 -5.12
C GLN B 102 -2.60 19.96 -4.01
N TYR B 103 -3.24 18.91 -3.50
CA TYR B 103 -4.36 19.10 -2.58
C TYR B 103 -4.17 18.53 -1.17
N GLY B 104 -3.00 17.98 -0.89
CA GLY B 104 -2.75 17.30 0.37
C GLY B 104 -2.88 18.12 1.64
N ASP B 105 -2.67 19.43 1.53
CA ASP B 105 -2.76 20.30 2.71
C ASP B 105 -4.19 20.47 3.21
N MET B 106 -5.16 20.35 2.32
CA MET B 106 -6.57 20.46 2.69
C MET B 106 -7.35 19.19 2.37
N MET B 107 -6.79 18.04 2.73
CA MET B 107 -7.50 16.77 2.59
C MET B 107 -7.86 16.22 3.96
N ASN B 108 -9.09 15.74 4.11
CA ASN B 108 -9.46 15.06 5.35
C ASN B 108 -9.41 13.55 5.12
N TRP B 109 -8.29 12.96 5.52
CA TRP B 109 -8.06 11.54 5.31
C TRP B 109 -9.00 10.63 6.11
N ASP B 110 -9.68 11.18 7.11
CA ASP B 110 -10.62 10.40 7.92
C ASP B 110 -11.83 9.96 7.09
N GLU B 111 -12.05 10.65 5.96
CA GLU B 111 -13.18 10.35 5.11
C GLU B 111 -12.76 9.62 3.84
N ILE B 112 -11.49 9.26 3.74
CA ILE B 112 -10.95 8.63 2.54
C ILE B 112 -10.53 7.16 2.73
N ALA B 113 -11.06 6.27 1.91
CA ALA B 113 -10.71 4.85 1.96
C ALA B 113 -10.10 4.38 0.63
N ALA B 114 -8.96 3.71 0.72
CA ALA B 114 -8.29 3.16 -0.46
C ALA B 114 -8.92 1.85 -0.91
N GLU B 115 -9.06 1.67 -2.22
CA GLU B 115 -9.59 0.44 -2.79
C GLU B 115 -8.51 -0.24 -3.60
N GLY B 116 -8.06 -1.41 -3.13
CA GLY B 116 -7.09 -2.19 -3.87
C GLY B 116 -7.76 -2.92 -5.02
N TYR B 117 -7.76 -2.30 -6.20
CA TYR B 117 -8.46 -2.86 -7.36
C TYR B 117 -7.67 -3.95 -8.05
N CYS B 118 -8.37 -5.03 -8.40
CA CYS B 118 -7.83 -6.02 -9.32
C CYS B 118 -8.80 -6.07 -10.50
N ILE B 119 -8.43 -5.41 -11.60
CA ILE B 119 -9.32 -5.32 -12.75
C ILE B 119 -9.23 -6.59 -13.62
N LEU B 120 -10.37 -7.28 -13.78
CA LEU B 120 -10.35 -8.64 -14.36
C LEU B 120 -11.10 -8.86 -15.68
N ASN B 121 -11.59 -7.79 -16.30
CA ASN B 121 -12.22 -7.87 -17.63
C ASN B 121 -11.48 -6.97 -18.62
N PRO B 122 -10.78 -7.58 -19.58
CA PRO B 122 -9.91 -6.86 -20.53
C PRO B 122 -10.67 -5.99 -21.53
N GLU B 123 -11.97 -6.24 -21.71
CA GLU B 123 -12.75 -5.53 -22.72
C GLU B 123 -13.22 -4.14 -22.25
N CYS B 124 -13.21 -3.92 -20.94
CA CYS B 124 -13.67 -2.64 -20.38
C CYS B 124 -12.67 -1.50 -20.58
N LYS B 125 -13.16 -0.26 -20.48
CA LYS B 125 -12.34 0.93 -20.68
C LYS B 125 -11.27 1.09 -19.60
N ALA B 126 -11.65 0.79 -18.36
CA ALA B 126 -10.74 0.90 -17.23
C ALA B 126 -9.50 0.02 -17.43
N ALA B 127 -9.73 -1.21 -17.86
CA ALA B 127 -8.63 -2.16 -18.10
C ALA B 127 -7.69 -1.64 -19.18
N LYS B 128 -8.27 -1.12 -20.27
CA LYS B 128 -7.47 -0.64 -21.39
C LYS B 128 -6.69 0.62 -21.00
N LEU B 129 -7.34 1.51 -20.28
CA LEU B 129 -6.74 2.78 -19.84
C LEU B 129 -5.60 2.56 -18.84
N THR B 130 -5.78 1.62 -17.92
CA THR B 130 -4.80 1.39 -16.87
C THR B 130 -3.76 0.34 -17.25
N ARG B 131 -3.91 -0.21 -18.46
CA ARG B 131 -3.07 -1.31 -18.93
C ARG B 131 -3.07 -2.46 -17.92
N ALA B 132 -4.25 -2.85 -17.44
CA ALA B 132 -4.33 -3.88 -16.42
C ALA B 132 -4.00 -5.27 -16.97
N ASP B 133 -3.28 -6.06 -16.18
CA ASP B 133 -2.99 -7.46 -16.49
C ASP B 133 -4.18 -8.29 -16.02
N THR B 134 -5.09 -8.62 -16.94
CA THR B 134 -6.31 -9.34 -16.58
C THR B 134 -6.19 -10.86 -16.71
N GLU B 135 -5.17 -11.33 -17.41
CA GLU B 135 -4.91 -12.76 -17.56
C GLU B 135 -4.33 -13.36 -16.27
N LEU B 136 -5.18 -13.51 -15.26
CA LEU B 136 -4.73 -13.93 -13.95
C LEU B 136 -5.44 -15.20 -13.48
N ASP B 137 -4.68 -16.18 -13.02
CA ASP B 137 -5.30 -17.36 -12.43
C ASP B 137 -5.68 -17.05 -11.00
N VAL B 138 -6.34 -17.98 -10.32
CA VAL B 138 -6.76 -17.73 -8.96
C VAL B 138 -5.57 -17.45 -8.01
N ASP B 139 -4.43 -18.10 -8.25
CA ASP B 139 -3.23 -17.85 -7.46
C ASP B 139 -2.71 -16.41 -7.62
N ASP B 140 -2.80 -15.89 -8.85
CA ASP B 140 -2.45 -14.50 -9.14
C ASP B 140 -3.30 -13.53 -8.34
N ILE B 141 -4.60 -13.80 -8.30
CA ILE B 141 -5.55 -12.90 -7.66
C ILE B 141 -5.38 -12.93 -6.13
N VAL B 142 -5.17 -14.13 -5.61
CA VAL B 142 -4.90 -14.32 -4.19
C VAL B 142 -3.62 -13.58 -3.78
N ALA B 143 -2.60 -13.63 -4.65
CA ALA B 143 -1.37 -12.90 -4.40
C ALA B 143 -1.63 -11.39 -4.29
N TYR B 144 -2.46 -10.86 -5.20
CA TYR B 144 -2.82 -9.44 -5.13
C TYR B 144 -3.59 -9.13 -3.84
N ALA B 145 -4.47 -10.04 -3.42
CA ALA B 145 -5.25 -9.85 -2.19
C ALA B 145 -4.34 -9.75 -0.96
N ARG B 146 -3.33 -10.61 -0.91
CA ARG B 146 -2.35 -10.56 0.18
C ARG B 146 -1.50 -9.29 0.17
N LEU B 147 -1.16 -8.81 -1.02
CA LEU B 147 -0.41 -7.56 -1.16
C LEU B 147 -1.23 -6.37 -0.67
N ALA B 148 -2.54 -6.45 -0.91
CA ALA B 148 -3.46 -5.39 -0.55
C ALA B 148 -3.65 -5.26 0.96
N GLU B 149 -3.50 -6.39 1.66
CA GLU B 149 -3.74 -6.43 3.11
C GLU B 149 -2.45 -6.41 3.95
N HIS B 150 -1.40 -7.10 3.49
CA HIS B 150 -0.23 -7.36 4.34
C HIS B 150 1.06 -6.65 3.93
N LEU B 151 1.08 -6.07 2.73
CA LEU B 151 2.21 -5.25 2.32
C LEU B 151 1.72 -3.81 2.31
N TYR B 152 0.90 -3.47 1.32
CA TYR B 152 0.03 -2.32 1.41
C TYR B 152 -0.98 -2.68 2.48
N LYS B 153 -1.57 -1.69 3.14
CA LYS B 153 -2.57 -2.01 4.14
C LYS B 153 -3.87 -1.28 3.84
N LEU B 154 -4.58 -1.81 2.86
CA LEU B 154 -5.77 -1.18 2.32
C LEU B 154 -7.01 -1.82 2.93
N PRO B 155 -8.03 -1.00 3.21
CA PRO B 155 -9.22 -1.53 3.88
C PRO B 155 -10.12 -2.33 2.93
N ILE B 156 -9.93 -2.14 1.62
CA ILE B 156 -10.76 -2.78 0.61
C ILE B 156 -9.90 -3.44 -0.48
N PHE B 157 -10.24 -4.68 -0.83
CA PHE B 157 -9.73 -5.30 -2.04
C PHE B 157 -10.94 -5.48 -2.97
N TYR B 158 -10.80 -5.03 -4.21
CA TYR B 158 -11.95 -4.88 -5.11
C TYR B 158 -11.76 -5.72 -6.36
N LEU B 159 -12.55 -6.78 -6.48
CA LEU B 159 -12.56 -7.58 -7.72
C LEU B 159 -13.48 -6.92 -8.73
N GLU B 160 -12.91 -6.43 -9.83
CA GLU B 160 -13.68 -5.70 -10.83
C GLU B 160 -13.75 -6.44 -12.17
N TYR B 161 -14.92 -7.02 -12.46
CA TYR B 161 -15.17 -7.74 -13.71
C TYR B 161 -16.06 -6.92 -14.65
N SER B 162 -16.40 -5.70 -14.22
CA SER B 162 -17.27 -4.74 -14.92
C SER B 162 -17.90 -5.18 -16.25
N GLY B 163 -19.14 -5.66 -16.17
CA GLY B 163 -19.88 -6.10 -17.33
C GLY B 163 -20.08 -7.59 -17.37
N VAL B 164 -19.04 -8.33 -16.99
CA VAL B 164 -19.05 -9.79 -17.02
C VAL B 164 -19.24 -10.34 -15.61
N TYR B 165 -19.97 -11.45 -15.50
CA TYR B 165 -20.17 -12.13 -14.21
C TYR B 165 -19.06 -13.15 -13.95
N GLY B 166 -18.31 -12.93 -12.86
CA GLY B 166 -17.19 -13.80 -12.54
C GLY B 166 -17.57 -15.18 -12.01
N ASP B 167 -16.56 -15.94 -11.59
CA ASP B 167 -16.76 -17.26 -11.00
C ASP B 167 -16.80 -17.14 -9.47
N PRO B 168 -17.95 -17.47 -8.87
CA PRO B 168 -18.10 -17.43 -7.41
C PRO B 168 -17.08 -18.28 -6.68
N SER B 169 -16.59 -19.34 -7.31
CA SER B 169 -15.56 -20.19 -6.72
C SER B 169 -14.25 -19.42 -6.56
N VAL B 170 -13.94 -18.59 -7.54
CA VAL B 170 -12.75 -17.75 -7.49
C VAL B 170 -12.87 -16.73 -6.36
N VAL B 171 -14.05 -16.13 -6.26
CA VAL B 171 -14.33 -15.14 -5.22
C VAL B 171 -14.22 -15.79 -3.83
N GLU B 172 -14.65 -17.04 -3.72
CA GLU B 172 -14.51 -17.77 -2.46
C GLU B 172 -13.05 -17.91 -2.04
N LYS B 173 -12.19 -18.24 -3.00
CA LYS B 173 -10.76 -18.42 -2.74
C LYS B 173 -10.10 -17.13 -2.27
N VAL B 174 -10.50 -16.01 -2.88
CA VAL B 174 -9.95 -14.70 -2.53
C VAL B 174 -10.35 -14.33 -1.12
N LYS B 175 -11.63 -14.52 -0.81
CA LYS B 175 -12.15 -14.29 0.52
C LYS B 175 -11.40 -15.13 1.56
N GLN B 176 -11.09 -16.38 1.22
CA GLN B 176 -10.38 -17.26 2.13
C GLN B 176 -8.97 -16.77 2.43
N ALA B 177 -8.38 -16.03 1.50
CA ALA B 177 -7.05 -15.48 1.66
C ALA B 177 -7.01 -14.17 2.47
N LEU B 178 -8.11 -13.44 2.47
CA LEU B 178 -8.21 -12.16 3.18
C LEU B 178 -8.59 -12.35 4.65
N ASP B 179 -8.18 -11.41 5.48
CA ASP B 179 -8.51 -11.43 6.91
C ASP B 179 -9.28 -10.15 7.29
N GLN B 180 -8.54 -9.05 7.49
CA GLN B 180 -9.14 -7.79 7.91
C GLN B 180 -9.54 -6.91 6.73
N THR B 181 -9.00 -7.20 5.56
CA THR B 181 -9.36 -6.44 4.36
C THR B 181 -10.70 -6.92 3.79
N GLN B 182 -11.57 -5.96 3.52
CA GLN B 182 -12.94 -6.19 3.05
C GLN B 182 -12.99 -6.48 1.55
N LEU B 183 -13.72 -7.52 1.17
CA LEU B 183 -13.78 -7.93 -0.22
C LEU B 183 -15.02 -7.37 -0.93
N PHE B 184 -14.77 -6.49 -1.90
CA PHE B 184 -15.80 -5.92 -2.76
C PHE B 184 -15.79 -6.73 -4.04
N TYR B 185 -16.99 -7.05 -4.55
CA TYR B 185 -17.11 -7.64 -5.87
C TYR B 185 -18.05 -6.79 -6.72
N GLY B 186 -17.65 -6.54 -7.96
CA GLY B 186 -18.51 -5.91 -8.93
C GLY B 186 -18.31 -6.61 -10.27
N GLY B 187 -19.40 -6.82 -11.01
CA GLY B 187 -19.30 -7.47 -12.30
C GLY B 187 -20.52 -8.29 -12.70
N GLY B 188 -21.25 -7.77 -13.69
CA GLY B 188 -22.33 -8.50 -14.34
C GLY B 188 -23.48 -8.98 -13.49
N ILE B 189 -23.68 -8.38 -12.33
CA ILE B 189 -24.82 -8.78 -11.49
C ILE B 189 -26.12 -8.19 -12.04
N THR B 190 -26.98 -9.06 -12.57
CA THR B 190 -28.24 -8.62 -13.17
C THR B 190 -29.45 -9.27 -12.52
N THR B 191 -29.23 -10.36 -11.79
CA THR B 191 -30.33 -11.06 -11.15
C THR B 191 -30.09 -11.16 -9.64
N PRO B 192 -31.17 -11.29 -8.85
CA PRO B 192 -31.03 -11.49 -7.40
C PRO B 192 -30.24 -12.75 -7.06
N GLU B 193 -30.39 -13.79 -7.87
CA GLU B 193 -29.64 -15.03 -7.67
C GLU B 193 -28.13 -14.80 -7.83
N GLN B 194 -27.74 -14.04 -8.85
CA GLN B 194 -26.33 -13.72 -9.07
C GLN B 194 -25.76 -12.91 -7.91
N ALA B 195 -26.60 -12.04 -7.35
CA ALA B 195 -26.20 -11.18 -6.23
C ALA B 195 -25.97 -12.02 -4.97
N GLU B 196 -26.94 -12.86 -4.64
CA GLU B 196 -26.86 -13.72 -3.47
C GLU B 196 -25.64 -14.65 -3.52
N HIS B 197 -25.37 -15.25 -4.68
CA HIS B 197 -24.25 -16.18 -4.77
C HIS B 197 -22.89 -15.49 -4.60
N MET B 198 -22.72 -14.30 -5.15
CA MET B 198 -21.48 -13.57 -4.93
C MET B 198 -21.40 -13.08 -3.48
N ALA B 199 -22.55 -12.73 -2.93
CA ALA B 199 -22.63 -12.21 -1.56
C ALA B 199 -22.25 -13.20 -0.45
N ARG B 200 -22.19 -14.49 -0.76
CA ARG B 200 -21.79 -15.46 0.27
C ARG B 200 -20.27 -15.51 0.44
N TYR B 201 -19.56 -14.89 -0.50
CA TYR B 201 -18.09 -14.86 -0.44
C TYR B 201 -17.58 -13.42 -0.34
N ALA B 202 -18.01 -12.57 -1.26
CA ALA B 202 -17.73 -11.15 -1.17
C ALA B 202 -18.40 -10.57 0.05
N ASP B 203 -17.71 -9.64 0.73
CA ASP B 203 -18.29 -8.90 1.83
C ASP B 203 -19.28 -7.86 1.31
N THR B 204 -19.00 -7.32 0.13
CA THR B 204 -19.81 -6.27 -0.44
C THR B 204 -19.94 -6.48 -1.95
N VAL B 205 -21.18 -6.59 -2.43
CA VAL B 205 -21.43 -6.69 -3.88
C VAL B 205 -21.89 -5.36 -4.45
N VAL B 206 -21.42 -5.04 -5.65
CA VAL B 206 -21.70 -3.76 -6.28
C VAL B 206 -22.56 -3.97 -7.52
N VAL B 207 -23.73 -3.36 -7.53
CA VAL B 207 -24.65 -3.46 -8.68
C VAL B 207 -24.64 -2.13 -9.44
N GLY B 208 -24.29 -2.17 -10.72
CA GLY B 208 -24.16 -0.95 -11.51
C GLY B 208 -24.99 -0.94 -12.78
N ASN B 209 -24.48 -1.59 -13.83
CA ASN B 209 -25.11 -1.59 -15.16
C ASN B 209 -26.60 -1.92 -15.15
N ALA B 210 -26.96 -2.93 -14.36
CA ALA B 210 -28.33 -3.42 -14.31
C ALA B 210 -29.35 -2.33 -13.93
N ILE B 211 -28.89 -1.28 -13.25
CA ILE B 211 -29.76 -0.18 -12.86
C ILE B 211 -30.40 0.43 -14.10
N TYR B 212 -29.59 0.57 -15.15
CA TYR B 212 -29.98 1.28 -16.35
C TYR B 212 -30.84 0.47 -17.31
N ASP B 213 -30.50 -0.80 -17.51
CA ASP B 213 -31.21 -1.61 -18.50
C ASP B 213 -32.23 -2.61 -17.94
N ALA B 214 -32.14 -2.92 -16.65
CA ALA B 214 -33.08 -3.87 -16.05
C ALA B 214 -33.36 -3.50 -14.60
N PHE B 215 -34.05 -2.38 -14.39
CA PHE B 215 -34.23 -1.78 -13.07
C PHE B 215 -34.89 -2.67 -12.01
N GLU B 216 -35.99 -3.35 -12.36
CA GLU B 216 -36.68 -4.19 -11.38
C GLU B 216 -35.77 -5.29 -10.83
N GLN B 217 -35.06 -5.97 -11.72
CA GLN B 217 -34.12 -7.02 -11.31
C GLN B 217 -32.97 -6.45 -10.50
N ALA B 218 -32.49 -5.26 -10.90
CA ALA B 218 -31.44 -4.58 -10.13
C ALA B 218 -31.93 -4.22 -8.72
N LEU B 219 -33.17 -3.75 -8.62
CA LEU B 219 -33.76 -3.44 -7.32
C LEU B 219 -33.85 -4.68 -6.45
N ALA B 220 -34.19 -5.80 -7.07
CA ALA B 220 -34.38 -7.07 -6.38
C ALA B 220 -33.09 -7.63 -5.78
N THR B 221 -31.94 -7.17 -6.25
CA THR B 221 -30.66 -7.64 -5.74
C THR B 221 -30.43 -7.28 -4.26
N VAL B 222 -31.04 -6.20 -3.79
CA VAL B 222 -30.87 -5.79 -2.39
C VAL B 222 -31.41 -6.83 -1.43
N ALA B 223 -32.68 -7.20 -1.61
CA ALA B 223 -33.34 -8.16 -0.74
C ALA B 223 -32.64 -9.51 -0.80
N ALA B 224 -32.13 -9.85 -1.98
CA ALA B 224 -31.43 -11.11 -2.20
C ALA B 224 -30.21 -11.21 -1.31
N VAL B 225 -29.50 -10.10 -1.18
CA VAL B 225 -28.28 -10.03 -0.36
C VAL B 225 -28.63 -9.91 1.11
N LYS B 226 -29.59 -9.05 1.42
CA LYS B 226 -30.02 -8.84 2.80
C LYS B 226 -30.65 -10.10 3.41
N GLN B 227 -31.29 -10.91 2.59
CA GLN B 227 -31.91 -12.14 3.06
C GLN B 227 -31.15 -13.37 2.54
#